data_3OST
#
_entry.id   3OST
#
_cell.length_a   29.373
_cell.length_b   59.559
_cell.length_c   37.566
_cell.angle_alpha   90.00
_cell.angle_beta   91.84
_cell.angle_gamma   90.00
#
_symmetry.space_group_name_H-M   'P 1 21 1'
#
loop_
_entity.id
_entity.type
_entity.pdbx_description
1 polymer 'serine/threonine-protein kinase KCC4'
2 non-polymer 'SULFATE ION'
3 non-polymer GLYCEROL
4 water water
#
_entity_poly.entity_id   1
_entity_poly.type   'polypeptide(L)'
_entity_poly.pdbx_seq_one_letter_code
;MHHHHHHKKPPNSVLLKKFSKGKILELEIHAKIPEKRLYEGLHKLLEGWKQYGLKNLVFNITNMIITGKLVNDSILFLRS
TLFEIMVLPNGDGRSLIKFNKKTGSTKTLTKLATEIQIILQKEGVLDK
;
_entity_poly.pdbx_strand_id   A
#
# COMPACT_ATOMS: atom_id res chain seq x y z
N LYS A 9 11.64 12.71 -15.66
CA LYS A 9 10.90 11.67 -14.94
C LYS A 9 9.39 11.94 -14.99
N PRO A 10 8.57 10.89 -15.20
CA PRO A 10 7.12 11.09 -15.35
C PRO A 10 6.40 11.50 -14.07
N PRO A 11 5.29 12.23 -14.19
CA PRO A 11 4.52 12.69 -13.03
C PRO A 11 3.82 11.51 -12.36
N ASN A 12 3.45 11.70 -11.10
CA ASN A 12 2.76 10.65 -10.35
C ASN A 12 1.44 10.22 -11.00
N SER A 13 0.73 11.18 -11.61
CA SER A 13 -0.56 10.86 -12.23
CA SER A 13 -0.55 10.91 -12.28
C SER A 13 -0.39 9.84 -13.35
N VAL A 14 0.76 9.89 -14.04
CA VAL A 14 1.09 8.90 -15.05
C VAL A 14 1.56 7.58 -14.44
N LEU A 15 2.41 7.65 -13.42
CA LEU A 15 2.83 6.43 -12.71
C LEU A 15 1.62 5.65 -12.15
N LEU A 16 0.59 6.36 -11.74
CA LEU A 16 -0.58 5.72 -11.16
C LEU A 16 -1.33 4.85 -12.18
N LYS A 17 -1.06 5.06 -13.47
CA LYS A 17 -1.67 4.25 -14.52
C LYS A 17 -1.23 2.79 -14.44
N LYS A 18 -0.21 2.52 -13.65
CA LYS A 18 0.26 1.14 -13.47
C LYS A 18 -0.65 0.31 -12.56
N PHE A 19 -1.51 0.98 -11.80
CA PHE A 19 -2.53 0.26 -11.00
C PHE A 19 -3.52 -0.44 -11.93
N SER A 20 -4.04 -1.59 -11.48
CA SER A 20 -5.14 -2.28 -12.16
C SER A 20 -6.42 -1.51 -12.01
N LYS A 21 -7.45 -1.93 -12.73
CA LYS A 21 -8.76 -1.34 -12.58
C LYS A 21 -9.16 -1.44 -11.12
N GLY A 22 -9.68 -0.34 -10.59
CA GLY A 22 -10.08 -0.28 -9.19
C GLY A 22 -10.34 1.14 -8.75
N LYS A 23 -10.56 1.29 -7.45
CA LYS A 23 -10.82 2.60 -6.87
C LYS A 23 -9.56 3.07 -6.17
N ILE A 24 -8.92 4.12 -6.70
CA ILE A 24 -7.75 4.66 -6.01
C ILE A 24 -8.27 5.50 -4.84
N LEU A 25 -7.90 5.12 -3.62
CA LEU A 25 -8.33 5.87 -2.45
CA LEU A 25 -8.29 5.86 -2.42
C LEU A 25 -7.73 7.27 -2.44
N GLU A 26 -8.51 8.24 -1.97
CA GLU A 26 -8.03 9.62 -1.98
C GLU A 26 -6.85 9.83 -1.03
N LEU A 27 -6.76 9.01 0.02
CA LEU A 27 -5.76 9.21 1.06
C LEU A 27 -4.32 9.10 0.53
N GLU A 28 -3.41 9.76 1.23
CA GLU A 28 -2.00 9.68 0.91
C GLU A 28 -1.26 9.48 2.22
N ILE A 29 -0.20 8.68 2.22
CA ILE A 29 0.69 8.61 3.37
C ILE A 29 1.99 9.23 2.92
N HIS A 30 2.49 10.23 3.67
CA HIS A 30 3.72 10.92 3.28
C HIS A 30 4.90 10.43 4.11
N ALA A 31 5.99 10.08 3.44
CA ALA A 31 7.22 9.62 4.11
C ALA A 31 8.36 10.60 3.85
N LYS A 32 9.23 10.74 4.84
CA LYS A 32 10.38 11.60 4.68
C LYS A 32 11.65 10.80 4.36
N ILE A 33 11.46 9.69 3.63
CA ILE A 33 12.56 8.95 2.99
C ILE A 33 12.23 8.72 1.51
N PRO A 34 13.25 8.49 0.67
CA PRO A 34 12.92 8.40 -0.75
C PRO A 34 12.21 7.09 -1.10
N GLU A 35 11.61 7.05 -2.28
CA GLU A 35 10.71 5.96 -2.65
C GLU A 35 11.31 4.54 -2.60
N LYS A 36 12.57 4.37 -3.01
CA LYS A 36 13.19 3.03 -3.00
C LYS A 36 13.30 2.52 -1.55
N ARG A 37 13.73 3.39 -0.63
CA ARG A 37 13.88 2.97 0.76
C ARG A 37 12.51 2.70 1.40
N LEU A 38 11.51 3.53 1.07
CA LEU A 38 10.17 3.31 1.60
C LEU A 38 9.63 1.98 1.09
N TYR A 39 9.74 1.74 -0.21
CA TYR A 39 9.28 0.47 -0.79
C TYR A 39 9.94 -0.76 -0.15
N GLU A 40 11.25 -0.75 -0.03
CA GLU A 40 11.95 -1.88 0.59
C GLU A 40 11.44 -2.18 2.00
N GLY A 41 11.18 -1.12 2.76
CA GLY A 41 10.68 -1.26 4.12
C GLY A 41 9.25 -1.78 4.13
N LEU A 42 8.42 -1.27 3.24
CA LEU A 42 7.05 -1.77 3.12
C LEU A 42 7.02 -3.25 2.74
N HIS A 43 7.92 -3.64 1.86
CA HIS A 43 8.07 -5.02 1.45
C HIS A 43 8.38 -5.88 2.69
N LYS A 44 9.41 -5.50 3.43
CA LYS A 44 9.77 -6.21 4.65
C LYS A 44 8.64 -6.25 5.66
N LEU A 45 7.94 -5.13 5.78
CA LEU A 45 6.86 -4.98 6.75
C LEU A 45 5.74 -5.96 6.42
N LEU A 46 5.24 -5.90 5.19
CA LEU A 46 4.04 -6.67 4.82
C LEU A 46 4.32 -8.17 4.68
N GLU A 47 5.47 -8.54 4.14
CA GLU A 47 5.75 -9.97 3.99
CA GLU A 47 5.79 -9.96 3.99
C GLU A 47 5.84 -10.63 5.36
N GLY A 48 6.13 -9.83 6.38
CA GLY A 48 6.18 -10.31 7.75
C GLY A 48 4.93 -9.99 8.52
N TRP A 49 3.82 -9.73 7.83
CA TRP A 49 2.59 -9.34 8.51
C TRP A 49 1.40 -10.17 8.03
N LYS A 50 1.65 -11.42 7.69
CA LYS A 50 0.57 -12.27 7.22
C LYS A 50 -0.48 -12.44 8.30
N GLN A 51 -0.04 -12.42 9.56
CA GLN A 51 -0.93 -12.52 10.71
C GLN A 51 -1.94 -11.37 10.82
N TYR A 52 -1.71 -10.29 10.07
CA TYR A 52 -2.68 -9.21 9.98
C TYR A 52 -3.97 -9.70 9.36
N GLY A 53 -3.86 -10.71 8.51
CA GLY A 53 -4.96 -11.17 7.67
C GLY A 53 -4.63 -10.81 6.24
N LEU A 54 -3.40 -11.11 5.84
CA LEU A 54 -2.87 -10.78 4.52
CA LEU A 54 -2.92 -10.79 4.50
C LEU A 54 -2.50 -12.07 3.80
N LYS A 55 -2.89 -12.19 2.53
CA LYS A 55 -2.57 -13.37 1.71
C LYS A 55 -2.15 -12.96 0.30
N ASN A 56 -1.46 -13.86 -0.39
CA ASN A 56 -1.15 -13.65 -1.81
C ASN A 56 -0.38 -12.36 -2.09
N LEU A 57 0.56 -12.03 -1.20
CA LEU A 57 1.36 -10.82 -1.38
C LEU A 57 2.33 -11.01 -2.54
N VAL A 58 2.38 -10.02 -3.42
CA VAL A 58 3.27 -10.01 -4.58
C VAL A 58 4.00 -8.68 -4.60
N PHE A 59 5.33 -8.75 -4.73
CA PHE A 59 6.15 -7.55 -4.68
C PHE A 59 6.82 -7.31 -6.02
N ASN A 60 6.86 -6.05 -6.45
CA ASN A 60 7.52 -5.70 -7.69
C ASN A 60 8.20 -4.37 -7.54
N ILE A 61 9.51 -4.36 -7.25
CA ILE A 61 10.13 -3.07 -6.95
C ILE A 61 10.32 -2.26 -8.21
N THR A 62 10.37 -2.93 -9.35
CA THR A 62 10.63 -2.19 -10.57
C THR A 62 9.50 -1.21 -10.86
N ASN A 63 8.28 -1.55 -10.44
CA ASN A 63 7.15 -0.63 -10.58
C ASN A 63 6.65 -0.11 -9.25
N MET A 64 7.35 -0.47 -8.18
CA MET A 64 7.00 0.12 -6.89
CA MET A 64 7.05 -0.05 -6.81
C MET A 64 5.59 -0.26 -6.45
N ILE A 65 5.10 -1.41 -6.88
CA ILE A 65 3.75 -1.83 -6.53
C ILE A 65 3.79 -3.07 -5.66
N ILE A 66 2.88 -3.13 -4.69
CA ILE A 66 2.64 -4.35 -3.92
C ILE A 66 1.18 -4.74 -4.12
N THR A 67 0.93 -6.00 -4.39
CA THR A 67 -0.45 -6.48 -4.53
C THR A 67 -0.74 -7.54 -3.48
N GLY A 68 -1.99 -7.68 -3.08
CA GLY A 68 -2.32 -8.66 -2.06
C GLY A 68 -3.80 -8.70 -1.76
N LYS A 69 -4.15 -9.52 -0.77
CA LYS A 69 -5.54 -9.74 -0.40
C LYS A 69 -5.68 -9.64 1.11
N LEU A 70 -6.64 -8.82 1.55
CA LEU A 70 -7.03 -8.78 2.95
C LEU A 70 -8.12 -9.79 3.12
N VAL A 71 -7.93 -10.74 4.01
CA VAL A 71 -8.96 -11.77 4.10
C VAL A 71 -9.77 -11.67 5.37
N ASN A 72 -10.72 -12.57 5.51
CA ASN A 72 -11.51 -12.67 6.72
CA ASN A 72 -11.46 -12.71 6.76
C ASN A 72 -12.30 -13.98 6.75
N ASP A 73 -12.89 -14.28 7.90
CA ASP A 73 -13.52 -15.59 8.12
C ASP A 73 -14.98 -15.71 7.72
N SER A 74 -15.44 -14.89 6.77
CA SER A 74 -16.79 -15.05 6.25
C SER A 74 -17.04 -16.48 5.77
N ILE A 75 -18.12 -17.10 6.23
CA ILE A 75 -18.40 -18.51 5.95
C ILE A 75 -19.21 -18.71 4.66
N LEU A 76 -19.96 -17.68 4.28
CA LEU A 76 -20.87 -17.79 3.14
C LEU A 76 -20.42 -16.93 1.96
N PHE A 77 -20.35 -15.62 2.18
CA PHE A 77 -20.00 -14.70 1.09
C PHE A 77 -18.52 -14.38 1.13
N LEU A 78 -17.88 -14.37 -0.03
CA LEU A 78 -16.49 -13.94 -0.10
C LEU A 78 -16.47 -12.44 0.23
N ARG A 79 -15.64 -12.05 1.20
CA ARG A 79 -15.59 -10.66 1.63
C ARG A 79 -14.16 -10.14 1.67
N SER A 80 -13.28 -10.80 0.93
CA SER A 80 -11.89 -10.37 0.89
C SER A 80 -11.76 -9.07 0.11
N THR A 81 -10.71 -8.32 0.43
CA THR A 81 -10.44 -7.07 -0.23
C THR A 81 -9.13 -7.21 -0.99
N LEU A 82 -9.22 -7.26 -2.31
CA LEU A 82 -8.01 -7.30 -3.14
C LEU A 82 -7.51 -5.88 -3.31
N PHE A 83 -6.20 -5.67 -3.15
CA PHE A 83 -5.69 -4.32 -3.17
C PHE A 83 -4.35 -4.22 -3.87
N GLU A 84 -3.95 -2.99 -4.19
CA GLU A 84 -2.61 -2.69 -4.64
C GLU A 84 -2.13 -1.48 -3.89
N ILE A 85 -0.82 -1.40 -3.67
CA ILE A 85 -0.20 -0.24 -3.03
C ILE A 85 0.89 0.23 -3.96
N MET A 86 1.03 1.53 -4.15
CA MET A 86 2.14 2.04 -4.96
C MET A 86 2.91 3.09 -4.16
N VAL A 87 4.24 3.05 -4.27
CA VAL A 87 5.08 4.07 -3.66
C VAL A 87 5.50 5.03 -4.76
N LEU A 88 5.33 6.33 -4.50
CA LEU A 88 5.60 7.37 -5.50
C LEU A 88 6.57 8.42 -4.95
N PRO A 89 7.31 9.11 -5.85
CA PRO A 89 8.17 10.19 -5.36
C PRO A 89 7.34 11.35 -4.81
N ASN A 90 7.89 12.15 -3.90
CA ASN A 90 7.20 13.30 -3.40
C ASN A 90 8.16 14.45 -3.11
N GLY A 91 9.14 14.62 -3.99
CA GLY A 91 10.18 15.60 -3.78
C GLY A 91 11.48 14.99 -3.27
N ASP A 92 12.54 15.78 -3.30
CA ASP A 92 13.86 15.28 -2.92
CA ASP A 92 13.86 15.28 -2.92
C ASP A 92 13.83 14.63 -1.55
N GLY A 93 14.22 13.36 -1.51
CA GLY A 93 14.30 12.61 -0.26
C GLY A 93 12.98 12.23 0.38
N ARG A 94 11.88 12.38 -0.37
CA ARG A 94 10.54 12.11 0.14
C ARG A 94 9.74 11.24 -0.81
N SER A 95 8.70 10.60 -0.29
CA SER A 95 7.87 9.73 -1.11
C SER A 95 6.49 9.67 -0.48
N LEU A 96 5.54 9.08 -1.18
CA LEU A 96 4.20 8.90 -0.63
C LEU A 96 3.63 7.57 -1.06
N ILE A 97 2.59 7.14 -0.37
CA ILE A 97 1.94 5.87 -0.64
C ILE A 97 0.51 6.09 -1.11
N LYS A 98 0.14 5.42 -2.21
CA LYS A 98 -1.24 5.37 -2.68
C LYS A 98 -1.78 3.94 -2.62
N PHE A 99 -3.10 3.84 -2.43
CA PHE A 99 -3.80 2.57 -2.29
C PHE A 99 -4.87 2.42 -3.35
N ASN A 100 -4.98 1.22 -3.90
CA ASN A 100 -5.96 0.93 -4.93
C ASN A 100 -6.79 -0.25 -4.50
N LYS A 101 -8.10 -0.05 -4.40
CA LYS A 101 -9.00 -1.15 -4.08
C LYS A 101 -9.59 -1.77 -5.34
N LYS A 102 -9.21 -3.02 -5.61
CA LYS A 102 -9.75 -3.77 -6.75
CA LYS A 102 -9.76 -3.75 -6.75
C LYS A 102 -11.14 -4.33 -6.43
N THR A 103 -11.30 -4.88 -5.22
CA THR A 103 -12.58 -5.45 -4.78
C THR A 103 -12.75 -5.29 -3.27
N GLY A 104 -13.97 -5.46 -2.79
CA GLY A 104 -14.19 -5.53 -1.36
C GLY A 104 -14.43 -4.20 -0.66
N SER A 105 -13.88 -4.07 0.54
CA SER A 105 -14.26 -2.99 1.46
C SER A 105 -13.26 -1.83 1.50
N THR A 106 -13.77 -0.61 1.30
CA THR A 106 -12.94 0.57 1.39
C THR A 106 -12.50 0.81 2.84
N LYS A 107 -13.39 0.57 3.79
CA LYS A 107 -13.06 0.68 5.21
C LYS A 107 -11.92 -0.26 5.57
N THR A 108 -12.00 -1.51 5.12
CA THR A 108 -10.97 -2.51 5.42
C THR A 108 -9.61 -2.11 4.86
N LEU A 109 -9.59 -1.70 3.61
CA LEU A 109 -8.36 -1.24 2.97
C LEU A 109 -7.82 0.00 3.68
N THR A 110 -8.73 0.89 4.08
CA THR A 110 -8.34 2.09 4.80
C THR A 110 -7.73 1.75 6.16
N LYS A 111 -8.29 0.73 6.84
CA LYS A 111 -7.72 0.28 8.10
C LYS A 111 -6.25 -0.14 7.92
N LEU A 112 -5.97 -0.85 6.83
CA LEU A 112 -4.61 -1.26 6.52
C LEU A 112 -3.71 -0.03 6.34
N ALA A 113 -4.18 0.94 5.58
CA ALA A 113 -3.44 2.17 5.36
C ALA A 113 -3.12 2.85 6.69
N THR A 114 -4.13 2.92 7.56
CA THR A 114 -3.95 3.52 8.86
C THR A 114 -2.90 2.78 9.69
N GLU A 115 -2.92 1.46 9.64
CA GLU A 115 -1.97 0.67 10.41
C GLU A 115 -0.55 0.85 9.89
N ILE A 116 -0.42 0.95 8.56
CA ILE A 116 0.87 1.23 7.96
C ILE A 116 1.38 2.61 8.37
N GLN A 117 0.52 3.62 8.30
CA GLN A 117 0.90 4.99 8.72
C GLN A 117 1.41 5.03 10.17
N ILE A 118 0.69 4.34 11.05
CA ILE A 118 1.09 4.21 12.44
C ILE A 118 2.49 3.60 12.56
N ILE A 119 2.76 2.53 11.82
CA ILE A 119 4.08 1.94 11.87
CA ILE A 119 4.08 1.91 11.85
C ILE A 119 5.14 2.89 11.35
N LEU A 120 4.84 3.60 10.27
CA LEU A 120 5.82 4.56 9.73
C LEU A 120 6.15 5.62 10.77
N GLN A 121 5.17 6.11 11.50
CA GLN A 121 5.43 7.12 12.53
CA GLN A 121 5.48 7.14 12.48
C GLN A 121 6.29 6.57 13.65
N LYS A 122 6.00 5.34 14.08
CA LYS A 122 6.77 4.73 15.17
C LYS A 122 8.20 4.51 14.74
N GLU A 123 8.41 4.30 13.43
CA GLU A 123 9.74 4.08 12.89
C GLU A 123 10.45 5.40 12.55
N GLY A 124 9.73 6.50 12.70
CA GLY A 124 10.31 7.83 12.52
C GLY A 124 10.48 8.27 11.07
N VAL A 125 9.71 7.68 10.17
CA VAL A 125 9.85 7.96 8.75
C VAL A 125 8.64 8.68 8.15
N LEU A 126 7.66 9.04 8.98
CA LEU A 126 6.49 9.74 8.46
C LEU A 126 6.79 11.23 8.34
N ASP A 127 6.28 11.85 7.28
CA ASP A 127 6.58 13.25 6.99
C ASP A 127 5.51 14.12 7.63
#